data_6X4J
#
_entry.id   6X4J
#
_cell.length_a   98.428
_cell.length_b   98.428
_cell.length_c   68.922
_cell.angle_alpha   90.000
_cell.angle_beta   90.000
_cell.angle_gamma   120.000
#
_symmetry.space_group_name_H-M   'P 31 2 1'
#
loop_
_entity.id
_entity.type
_entity.pdbx_description
1 polymer 'Pantothenate kinase 3'
2 non-polymer 'MAGNESIUM ION'
3 non-polymer 'PHOSPHOAMINOPHOSPHONIC ACID-ADENYLATE ESTER'
4 non-polymer 6-(4-{[4-(propan-2-yl)phenyl]acetyl}piperazin-1-yl)pyridine-3-carbonitrile
5 non-polymer 1,2-ETHANEDIOL
6 water water
#
_entity_poly.entity_id   1
_entity_poly.type   'polypeptide(L)'
_entity_poly.pdbx_seq_one_letter_code
;MGSSHHHHHHSSGLVPRGSPWFGMDIGGTLVKLSYFEPIDITAEEEQEEVESLKSIRKYLTSNVAYGSTGIRDVHLELKD
LTLFGRRGNLHFIRFPTQDLPTFIQMGRDKNFSTLQTVLCATGGGAYKFEKDFRTIGNLHLHKLDELDCLVKGLLYIDSV
SFNGQAECYYFANASEPERCQKMPFNLDDPYPLLVVNIGSGVSILAVHSKDNYKRVTGTSLGGGTFLGLCSLLTGCESFE
EALEMASKGDSTQADKLVRDIYGGDYERFGLPGWAVASSFGNMIYKEKRESVSKEDLARATLVTITNNIGSVARMCAVNE
KINRVVFVGNFLRVNTLSMKLLAYALDYWSKGQLKALFLEHEGYFGAVGALLGLPNFSDD
;
_entity_poly.pdbx_strand_id   A
#
# COMPACT_ATOMS: atom_id res chain seq x y z
N SER A 19 27.94 8.96 -0.01
CA SER A 19 26.89 7.94 -0.01
C SER A 19 25.52 8.55 -0.24
N PRO A 20 24.80 8.05 -1.25
CA PRO A 20 23.41 8.47 -1.45
C PRO A 20 22.54 7.97 -0.31
N TRP A 21 21.44 8.69 -0.06
CA TRP A 21 20.55 8.39 1.05
C TRP A 21 19.34 7.63 0.50
N PHE A 22 19.36 6.32 0.67
CA PHE A 22 18.30 5.42 0.21
C PHE A 22 17.55 4.84 1.40
N GLY A 23 16.28 4.55 1.18
CA GLY A 23 15.49 3.72 2.08
C GLY A 23 14.82 2.64 1.26
N MET A 24 14.94 1.38 1.66
CA MET A 24 14.45 0.29 0.82
C MET A 24 13.56 -0.66 1.63
N ASP A 25 12.37 -0.90 1.10
CA ASP A 25 11.41 -1.85 1.65
C ASP A 25 11.23 -2.97 0.63
N ILE A 26 11.84 -4.12 0.89
CA ILE A 26 11.78 -5.26 -0.02
C ILE A 26 10.68 -6.19 0.47
N GLY A 27 9.50 -6.10 -0.15
CA GLY A 27 8.39 -6.96 0.21
C GLY A 27 8.33 -8.22 -0.63
N GLY A 28 7.25 -8.99 -0.42
CA GLY A 28 7.07 -10.23 -1.16
C GLY A 28 6.84 -10.02 -2.64
N THR A 29 6.24 -8.89 -3.01
CA THR A 29 5.88 -8.60 -4.39
C THR A 29 6.67 -7.44 -4.97
N LEU A 30 6.77 -6.32 -4.26
CA LEU A 30 7.34 -5.10 -4.79
C LEU A 30 8.46 -4.59 -3.89
N VAL A 31 9.51 -4.06 -4.52
CA VAL A 31 10.54 -3.32 -3.81
C VAL A 31 10.17 -1.84 -3.87
N LYS A 32 10.13 -1.19 -2.71
CA LYS A 32 9.89 0.24 -2.62
C LYS A 32 11.16 0.94 -2.17
N LEU A 33 11.47 2.07 -2.79
CA LEU A 33 12.71 2.79 -2.56
C LEU A 33 12.40 4.28 -2.40
N SER A 34 12.85 4.86 -1.29
CA SER A 34 12.79 6.30 -1.08
C SER A 34 14.20 6.87 -1.21
N TYR A 35 14.34 7.92 -2.02
CA TYR A 35 15.64 8.51 -2.32
C TYR A 35 15.59 10.01 -2.07
N PHE A 36 16.57 10.50 -1.32
CA PHE A 36 16.65 11.92 -0.97
C PHE A 36 17.68 12.59 -1.88
N GLU A 37 17.21 13.46 -2.76
CA GLU A 37 18.08 14.17 -3.70
C GLU A 37 18.45 15.53 -3.10
N PRO A 38 19.71 15.76 -2.72
CA PRO A 38 20.09 17.08 -2.19
C PRO A 38 19.99 18.15 -3.27
N ILE A 39 19.34 19.26 -2.91
CA ILE A 39 19.20 20.40 -3.82
C ILE A 39 19.95 21.62 -3.33
N ASP A 40 20.80 21.47 -2.32
CA ASP A 40 21.61 22.57 -1.79
C ASP A 40 23.09 22.23 -1.88
N ILE A 41 23.50 21.66 -3.02
CA ILE A 41 24.88 21.27 -3.24
C ILE A 41 25.68 22.53 -3.55
N THR A 42 26.69 22.80 -2.72
CA THR A 42 27.52 23.99 -2.86
C THR A 42 28.54 23.78 -3.96
N ALA A 43 29.45 24.75 -4.13
CA ALA A 43 30.47 24.64 -5.15
C ALA A 43 31.54 23.62 -4.76
N GLU A 44 32.06 23.73 -3.53
CA GLU A 44 33.07 22.78 -3.06
C GLU A 44 32.51 21.37 -2.97
N GLU A 45 31.23 21.22 -2.63
CA GLU A 45 30.63 19.90 -2.54
C GLU A 45 30.57 19.22 -3.91
N GLU A 46 30.24 19.98 -4.95
CA GLU A 46 30.14 19.40 -6.29
C GLU A 46 31.48 18.87 -6.77
N GLN A 47 32.56 19.59 -6.50
CA GLN A 47 33.89 19.12 -6.92
C GLN A 47 34.26 17.83 -6.20
N GLU A 48 33.96 17.74 -4.90
CA GLU A 48 34.30 16.54 -4.13
C GLU A 48 33.44 15.33 -4.52
N GLU A 49 32.37 15.54 -5.28
CA GLU A 49 31.56 14.43 -5.76
C GLU A 49 32.41 13.47 -6.60
N VAL A 50 32.27 12.18 -6.32
CA VAL A 50 32.80 11.17 -7.21
C VAL A 50 31.85 11.01 -8.39
N GLU A 51 32.42 10.73 -9.56
CA GLU A 51 31.62 10.71 -10.78
C GLU A 51 30.51 9.66 -10.72
N SER A 52 30.75 8.55 -10.02
CA SER A 52 29.71 7.53 -9.89
C SER A 52 28.53 8.04 -9.07
N LEU A 53 28.79 8.92 -8.10
CA LEU A 53 27.69 9.53 -7.36
C LEU A 53 26.95 10.55 -8.22
N LYS A 54 27.68 11.35 -9.00
CA LYS A 54 27.02 12.23 -9.95
C LYS A 54 26.23 11.44 -10.98
N SER A 55 26.74 10.27 -11.38
CA SER A 55 26.06 9.47 -12.39
C SER A 55 24.78 8.84 -11.84
N ILE A 56 24.80 8.40 -10.58
CA ILE A 56 23.61 7.81 -9.99
C ILE A 56 22.52 8.87 -9.82
N ARG A 57 22.88 10.02 -9.24
CA ARG A 57 21.91 11.09 -9.06
C ARG A 57 21.33 11.55 -10.39
N LYS A 58 22.17 11.65 -11.42
CA LYS A 58 21.67 12.07 -12.73
C LYS A 58 20.79 10.99 -13.35
N TYR A 59 21.11 9.71 -13.12
CA TYR A 59 20.30 8.64 -13.69
C TYR A 59 18.92 8.61 -13.06
N LEU A 60 18.82 8.88 -11.75
CA LEU A 60 17.56 8.76 -11.05
C LEU A 60 16.62 9.93 -11.31
N THR A 61 17.18 11.14 -11.47
CA THR A 61 16.35 12.34 -11.61
C THR A 61 16.04 12.68 -13.06
N SER A 62 16.77 12.13 -14.03
CA SER A 62 16.50 12.41 -15.43
C SER A 62 15.64 11.34 -16.10
N ASN A 63 15.37 10.23 -15.41
CA ASN A 63 14.55 9.15 -15.94
C ASN A 63 13.40 8.86 -14.98
N VAL A 64 12.24 8.53 -15.55
CA VAL A 64 11.09 8.09 -14.76
C VAL A 64 10.82 6.60 -14.91
N ALA A 65 11.42 5.94 -15.90
CA ALA A 65 11.39 4.50 -16.05
C ALA A 65 12.82 3.98 -16.00
N TYR A 66 13.08 3.01 -15.12
CA TYR A 66 14.40 2.44 -14.93
C TYR A 66 14.39 1.00 -15.43
N GLY A 67 15.20 0.71 -16.44
CA GLY A 67 15.12 -0.59 -17.08
C GLY A 67 13.74 -0.82 -17.65
N SER A 68 13.26 -2.06 -17.55
CA SER A 68 11.95 -2.40 -18.08
C SER A 68 10.84 -2.41 -17.03
N THR A 69 11.19 -2.42 -15.74
CA THR A 69 10.18 -2.58 -14.69
C THR A 69 10.28 -1.56 -13.57
N GLY A 70 11.31 -0.70 -13.54
CA GLY A 70 11.40 0.32 -12.51
C GLY A 70 10.59 1.55 -12.88
N ILE A 71 9.82 2.06 -11.93
CA ILE A 71 8.98 3.23 -12.14
C ILE A 71 9.18 4.21 -11.00
N ARG A 72 9.38 5.48 -11.34
CA ARG A 72 9.40 6.55 -10.36
C ARG A 72 8.03 7.23 -10.34
N ASP A 73 7.39 7.24 -9.18
CA ASP A 73 6.09 7.90 -9.01
C ASP A 73 6.35 9.38 -8.80
N VAL A 74 6.41 10.13 -9.91
CA VAL A 74 6.78 11.54 -9.86
C VAL A 74 5.77 12.34 -9.04
N HIS A 75 4.49 11.99 -9.14
CA HIS A 75 3.45 12.79 -8.50
C HIS A 75 3.53 12.74 -6.98
N LEU A 76 4.26 11.79 -6.41
CA LEU A 76 4.38 11.67 -4.96
C LEU A 76 5.57 12.42 -4.40
N GLU A 77 6.41 13.02 -5.24
CA GLU A 77 7.66 13.60 -4.81
C GLU A 77 7.44 14.73 -3.81
N LEU A 78 8.18 14.70 -2.71
CA LEU A 78 8.17 15.77 -1.71
C LEU A 78 9.32 16.71 -2.01
N LYS A 79 9.01 17.95 -2.37
CA LYS A 79 10.02 18.91 -2.79
C LYS A 79 10.41 19.84 -1.64
N ASP A 80 11.67 20.28 -1.66
CA ASP A 80 12.20 21.23 -0.69
C ASP A 80 11.98 20.75 0.74
N LEU A 81 12.28 19.47 0.97
CA LEU A 81 12.17 18.87 2.29
C LEU A 81 13.49 19.02 3.03
N THR A 82 13.41 19.43 4.29
CA THR A 82 14.58 19.52 5.16
C THR A 82 14.72 18.20 5.91
N LEU A 83 15.78 17.46 5.62
CA LEU A 83 16.01 16.16 6.25
C LEU A 83 17.49 16.03 6.57
N PHE A 84 17.78 15.64 7.82
CA PHE A 84 19.15 15.53 8.31
C PHE A 84 19.91 16.85 8.17
N GLY A 85 19.18 17.96 8.24
CA GLY A 85 19.78 19.27 8.13
C GLY A 85 20.10 19.73 6.73
N ARG A 86 19.59 19.06 5.70
CA ARG A 86 19.84 19.44 4.32
C ARG A 86 18.51 19.59 3.58
N ARG A 87 18.47 20.55 2.67
CA ARG A 87 17.32 20.69 1.78
C ARG A 87 17.44 19.73 0.61
N GLY A 88 16.33 19.10 0.25
CA GLY A 88 16.33 18.20 -0.89
C GLY A 88 14.94 17.77 -1.24
N ASN A 89 14.85 16.90 -2.26
CA ASN A 89 13.60 16.33 -2.72
C ASN A 89 13.58 14.83 -2.41
N LEU A 90 12.44 14.35 -1.92
CA LEU A 90 12.26 12.95 -1.58
C LEU A 90 11.54 12.25 -2.72
N HIS A 91 12.19 11.27 -3.32
CA HIS A 91 11.66 10.57 -4.47
C HIS A 91 11.19 9.17 -4.09
N PHE A 92 10.18 8.68 -4.82
CA PHE A 92 9.55 7.40 -4.53
C PHE A 92 9.60 6.53 -5.77
N ILE A 93 10.21 5.36 -5.64
CA ILE A 93 10.52 4.47 -6.76
C ILE A 93 10.12 3.05 -6.38
N ARG A 94 9.62 2.30 -7.36
CA ARG A 94 9.22 0.92 -7.12
C ARG A 94 9.60 0.04 -8.30
N PHE A 95 9.80 -1.25 -8.00
CA PHE A 95 9.98 -2.27 -9.04
C PHE A 95 9.69 -3.63 -8.42
N PRO A 96 9.43 -4.65 -9.24
CA PRO A 96 9.10 -5.96 -8.69
C PRO A 96 10.28 -6.61 -7.99
N THR A 97 9.99 -7.24 -6.84
CA THR A 97 11.02 -7.99 -6.13
C THR A 97 11.66 -9.05 -7.02
N GLN A 98 10.88 -9.62 -7.94
CA GLN A 98 11.40 -10.58 -8.91
C GLN A 98 12.58 -10.03 -9.70
N ASP A 99 12.70 -8.71 -9.80
CA ASP A 99 13.77 -8.07 -10.55
C ASP A 99 14.87 -7.52 -9.65
N LEU A 100 14.85 -7.84 -8.36
CA LEU A 100 15.93 -7.40 -7.47
C LEU A 100 17.30 -7.88 -7.91
N PRO A 101 17.49 -9.10 -8.43
CA PRO A 101 18.82 -9.47 -8.95
C PRO A 101 19.34 -8.54 -10.02
N THR A 102 18.47 -7.95 -10.85
CA THR A 102 18.94 -6.98 -11.83
C THR A 102 19.40 -5.69 -11.17
N PHE A 103 18.66 -5.23 -10.15
CA PHE A 103 19.08 -4.07 -9.39
C PHE A 103 20.44 -4.31 -8.73
N ILE A 104 20.63 -5.50 -8.15
CA ILE A 104 21.89 -5.80 -7.48
C ILE A 104 23.03 -5.89 -8.49
N GLN A 105 22.78 -6.52 -9.64
CA GLN A 105 23.81 -6.60 -10.68
C GLN A 105 24.13 -5.23 -11.25
N MET A 106 23.13 -4.34 -11.38
CA MET A 106 23.43 -2.96 -11.70
C MET A 106 24.33 -2.34 -10.65
N GLY A 107 24.07 -2.61 -9.37
CA GLY A 107 24.84 -2.03 -8.29
C GLY A 107 26.29 -2.49 -8.24
N ARG A 108 26.59 -3.67 -8.79
CA ARG A 108 27.94 -4.19 -8.82
C ARG A 108 28.76 -3.71 -10.01
N ASP A 109 28.22 -2.77 -10.79
CA ASP A 109 28.94 -2.25 -11.95
C ASP A 109 30.13 -1.39 -11.53
N THR A 117 28.65 3.20 0.75
CA THR A 117 27.19 3.22 0.75
C THR A 117 26.62 2.41 1.91
N VAL A 118 25.75 3.03 2.68
CA VAL A 118 25.05 2.36 3.78
C VAL A 118 23.59 2.24 3.40
N LEU A 119 23.06 1.02 3.45
CA LEU A 119 21.71 0.73 2.98
C LEU A 119 20.86 0.28 4.16
N CYS A 120 19.90 1.10 4.54
CA CYS A 120 18.87 0.72 5.50
C CYS A 120 17.74 0.05 4.74
N ALA A 121 17.49 -1.22 5.08
CA ALA A 121 16.55 -2.06 4.35
C ALA A 121 15.57 -2.69 5.32
N THR A 122 14.32 -2.82 4.89
CA THR A 122 13.28 -3.41 5.70
C THR A 122 12.44 -4.31 4.81
N GLY A 123 11.39 -4.90 5.38
CA GLY A 123 10.61 -5.89 4.69
C GLY A 123 11.26 -7.26 4.79
N GLY A 124 10.48 -8.29 4.45
CA GLY A 124 11.00 -9.66 4.52
C GLY A 124 12.24 -9.87 3.68
N GLY A 125 12.34 -9.16 2.56
CA GLY A 125 13.47 -9.32 1.66
C GLY A 125 14.78 -8.79 2.19
N ALA A 126 14.74 -7.92 3.21
CA ALA A 126 15.99 -7.48 3.83
C ALA A 126 16.73 -8.63 4.48
N TYR A 127 15.99 -9.63 4.99
CA TYR A 127 16.59 -10.84 5.52
C TYR A 127 16.83 -11.89 4.43
N LYS A 128 15.85 -12.10 3.55
CA LYS A 128 15.97 -13.14 2.54
C LYS A 128 17.12 -12.86 1.57
N PHE A 129 17.36 -11.58 1.25
CA PHE A 129 18.37 -11.20 0.26
C PHE A 129 19.57 -10.52 0.91
N GLU A 130 19.78 -10.72 2.22
CA GLU A 130 20.89 -10.06 2.89
C GLU A 130 22.23 -10.43 2.27
N LYS A 131 22.43 -11.71 1.97
CA LYS A 131 23.71 -12.15 1.42
C LYS A 131 23.92 -11.63 0.01
N ASP A 132 22.84 -11.38 -0.74
CA ASP A 132 22.99 -10.86 -2.09
C ASP A 132 23.41 -9.39 -2.07
N PHE A 133 22.87 -8.60 -1.14
CA PHE A 133 23.29 -7.22 -1.01
C PHE A 133 24.78 -7.11 -0.67
N ARG A 134 25.31 -8.08 0.07
CA ARG A 134 26.72 -7.99 0.45
C ARG A 134 27.66 -8.38 -0.68
N THR A 135 27.15 -8.84 -1.82
CA THR A 135 28.01 -8.99 -2.99
C THR A 135 28.48 -7.64 -3.54
N ILE A 136 27.77 -6.57 -3.19
CA ILE A 136 28.25 -5.21 -3.46
C ILE A 136 29.33 -4.88 -2.44
N GLY A 137 30.55 -4.63 -2.92
CA GLY A 137 31.68 -4.52 -2.02
C GLY A 137 31.53 -3.35 -1.05
N ASN A 138 31.91 -3.61 0.20
CA ASN A 138 31.98 -2.58 1.23
C ASN A 138 30.62 -1.97 1.56
N LEU A 139 29.55 -2.49 0.96
CA LEU A 139 28.21 -2.01 1.29
C LEU A 139 27.82 -2.47 2.69
N HIS A 140 27.27 -1.54 3.46
CA HIS A 140 26.83 -1.82 4.83
C HIS A 140 25.32 -1.94 4.85
N LEU A 141 24.80 -3.14 5.05
CA LEU A 141 23.38 -3.41 5.11
C LEU A 141 22.93 -3.40 6.56
N HIS A 142 21.94 -2.56 6.87
CA HIS A 142 21.36 -2.48 8.20
C HIS A 142 19.88 -2.83 8.10
N LYS A 143 19.52 -3.98 8.65
CA LYS A 143 18.15 -4.46 8.59
C LYS A 143 17.31 -3.78 9.66
N LEU A 144 16.10 -3.36 9.29
CA LEU A 144 15.19 -2.68 10.20
C LEU A 144 13.83 -3.37 10.13
N ASP A 145 13.09 -3.34 11.24
CA ASP A 145 11.85 -4.10 11.32
C ASP A 145 10.79 -3.51 10.39
N GLU A 146 10.08 -4.41 9.70
CA GLU A 146 9.10 -4.02 8.69
C GLU A 146 8.06 -3.08 9.26
N LEU A 147 7.40 -3.47 10.34
CA LEU A 147 6.32 -2.66 10.89
C LEU A 147 6.83 -1.52 11.75
N ASP A 148 8.10 -1.56 12.18
CA ASP A 148 8.70 -0.43 12.85
C ASP A 148 8.92 0.72 11.88
N CYS A 149 9.38 0.42 10.67
CA CYS A 149 9.57 1.45 9.66
C CYS A 149 8.23 1.97 9.13
N LEU A 150 7.21 1.10 9.09
CA LEU A 150 5.90 1.53 8.62
C LEU A 150 5.34 2.64 9.48
N VAL A 151 5.39 2.46 10.81
CA VAL A 151 4.86 3.46 11.73
C VAL A 151 5.66 4.74 11.65
N LYS A 152 6.99 4.63 11.75
CA LYS A 152 7.86 5.80 11.68
C LYS A 152 7.67 6.55 10.36
N GLY A 153 7.58 5.81 9.25
CA GLY A 153 7.39 6.47 7.96
C GLY A 153 6.05 7.17 7.86
N LEU A 154 4.99 6.52 8.33
CA LEU A 154 3.65 7.10 8.24
C LEU A 154 3.54 8.39 9.03
N LEU A 155 4.04 8.38 10.26
CA LEU A 155 3.92 9.57 11.10
C LEU A 155 4.80 10.70 10.59
N TYR A 156 5.90 10.37 9.90
CA TYR A 156 6.78 11.41 9.39
C TYR A 156 6.18 12.11 8.19
N ILE A 157 5.70 11.33 7.20
CA ILE A 157 5.12 11.92 6.00
C ILE A 157 3.91 12.77 6.35
N ASP A 158 3.06 12.29 7.25
CA ASP A 158 1.90 13.08 7.66
C ASP A 158 2.32 14.36 8.37
N SER A 159 3.43 14.31 9.12
CA SER A 159 3.85 15.48 9.88
C SER A 159 4.42 16.56 8.97
N VAL A 160 5.17 16.18 7.93
CA VAL A 160 5.73 17.17 7.02
C VAL A 160 4.76 17.56 5.90
N SER A 161 3.62 16.86 5.80
CA SER A 161 2.57 17.09 4.81
C SER A 161 3.01 16.74 3.40
N PHE A 162 2.05 16.76 2.48
CA PHE A 162 2.28 16.42 1.07
C PHE A 162 2.36 17.73 0.28
N ASN A 163 3.52 18.37 0.40
CA ASN A 163 3.79 19.67 -0.24
C ASN A 163 2.73 20.69 0.15
N GLY A 164 2.45 20.78 1.45
CA GLY A 164 1.43 21.66 1.97
C GLY A 164 0.05 21.07 2.03
N GLN A 165 -0.21 20.00 1.28
CA GLN A 165 -1.50 19.32 1.28
C GLN A 165 -1.55 18.26 2.36
N ALA A 166 -2.76 17.82 2.67
CA ALA A 166 -2.95 16.76 3.64
C ALA A 166 -2.48 15.43 3.06
N GLU A 167 -1.70 14.69 3.84
CA GLU A 167 -1.32 13.34 3.44
C GLU A 167 -2.48 12.35 3.60
N CYS A 168 -3.35 12.59 4.57
CA CYS A 168 -4.47 11.70 4.88
C CYS A 168 -5.77 12.24 4.29
N TYR A 169 -6.59 11.33 3.76
CA TYR A 169 -7.88 11.70 3.20
C TYR A 169 -8.89 10.58 3.43
N TYR A 170 -10.17 10.96 3.44
CA TYR A 170 -11.27 10.02 3.55
C TYR A 170 -12.29 10.34 2.49
N PHE A 171 -13.33 9.52 2.40
CA PHE A 171 -14.43 9.72 1.46
C PHE A 171 -15.66 10.15 2.24
N ALA A 172 -16.00 11.43 2.14
CA ALA A 172 -17.13 11.98 2.86
C ALA A 172 -18.44 11.47 2.26
N ASN A 173 -19.41 11.20 3.12
CA ASN A 173 -20.71 10.67 2.71
C ASN A 173 -20.53 9.45 1.81
N ALA A 174 -19.73 8.51 2.27
CA ALA A 174 -19.45 7.31 1.48
C ALA A 174 -20.69 6.44 1.29
N SER A 175 -21.73 6.65 2.10
CA SER A 175 -22.97 5.89 1.92
C SER A 175 -23.78 6.38 0.74
N GLU A 176 -23.52 7.59 0.25
CA GLU A 176 -24.28 8.17 -0.85
C GLU A 176 -23.37 8.44 -2.04
N PRO A 177 -23.57 7.76 -3.18
CA PRO A 177 -22.65 7.95 -4.31
C PRO A 177 -22.73 9.34 -4.93
N GLU A 178 -23.88 10.01 -4.86
CA GLU A 178 -24.00 11.36 -5.41
C GLU A 178 -23.17 12.37 -4.62
N ARG A 179 -22.82 12.06 -3.38
CA ARG A 179 -22.04 12.96 -2.53
C ARG A 179 -20.65 12.43 -2.21
N CYS A 180 -20.38 11.15 -2.47
CA CYS A 180 -19.11 10.52 -2.12
C CYS A 180 -17.95 11.19 -2.85
N GLN A 181 -17.14 11.95 -2.12
CA GLN A 181 -16.01 12.66 -2.71
C GLN A 181 -14.83 12.65 -1.76
N LYS A 182 -13.63 12.69 -2.34
CA LYS A 182 -12.40 12.70 -1.57
C LYS A 182 -12.25 14.01 -0.80
N MET A 183 -12.01 13.91 0.51
CA MET A 183 -11.85 15.04 1.40
C MET A 183 -10.65 14.83 2.32
N PRO A 184 -9.82 15.85 2.51
CA PRO A 184 -8.65 15.71 3.37
C PRO A 184 -9.03 15.48 4.82
N PHE A 185 -8.11 14.86 5.56
CA PHE A 185 -8.34 14.47 6.95
C PHE A 185 -7.11 14.80 7.79
N ASN A 186 -7.35 15.30 9.00
CA ASN A 186 -6.29 15.79 9.87
C ASN A 186 -5.87 14.71 10.85
N LEU A 187 -4.56 14.47 10.92
CA LEU A 187 -3.97 13.48 11.83
C LEU A 187 -2.89 14.12 12.69
N ASP A 188 -3.12 15.34 13.17
CA ASP A 188 -2.07 16.03 13.91
C ASP A 188 -1.83 15.41 15.28
N ASP A 189 -2.86 14.82 15.87
CA ASP A 189 -2.72 13.92 17.02
C ASP A 189 -3.23 12.56 16.56
N PRO A 190 -2.35 11.73 16.00
CA PRO A 190 -2.82 10.51 15.31
C PRO A 190 -3.31 9.42 16.24
N TYR A 191 -2.81 9.35 17.48
CA TYR A 191 -3.09 8.20 18.30
C TYR A 191 -4.44 8.34 19.02
N PRO A 192 -5.15 7.22 19.24
CA PRO A 192 -4.82 5.87 18.78
C PRO A 192 -5.17 5.65 17.31
N LEU A 193 -4.50 4.71 16.63
CA LEU A 193 -4.67 4.52 15.20
C LEU A 193 -4.57 3.04 14.87
N LEU A 194 -5.50 2.54 14.05
CA LEU A 194 -5.40 1.21 13.48
C LEU A 194 -4.87 1.33 12.06
N VAL A 195 -3.76 0.65 11.79
CA VAL A 195 -3.13 0.66 10.48
C VAL A 195 -3.33 -0.72 9.85
N VAL A 196 -3.94 -0.74 8.67
CA VAL A 196 -4.23 -1.97 7.96
C VAL A 196 -3.36 -1.96 6.70
N ASN A 197 -2.27 -2.73 6.72
CA ASN A 197 -1.28 -2.73 5.66
C ASN A 197 -1.61 -3.84 4.68
N ILE A 198 -2.12 -3.49 3.51
CA ILE A 198 -2.58 -4.45 2.51
C ILE A 198 -1.45 -4.59 1.49
N GLY A 199 -0.57 -5.55 1.73
CA GLY A 199 0.45 -5.94 0.77
C GLY A 199 0.12 -7.27 0.12
N SER A 200 1.12 -8.16 0.00
CA SER A 200 0.84 -9.53 -0.41
C SER A 200 -0.21 -10.16 0.49
N GLY A 201 0.03 -10.13 1.79
CA GLY A 201 -0.97 -10.40 2.80
C GLY A 201 -1.44 -9.11 3.45
N VAL A 202 -1.97 -9.25 4.66
CA VAL A 202 -2.47 -8.10 5.40
C VAL A 202 -1.90 -8.14 6.81
N SER A 203 -1.32 -7.03 7.25
CA SER A 203 -0.94 -6.84 8.64
C SER A 203 -1.82 -5.75 9.25
N ILE A 204 -2.23 -5.95 10.49
CA ILE A 204 -3.07 -5.00 11.20
C ILE A 204 -2.37 -4.57 12.47
N LEU A 205 -2.14 -3.26 12.60
CA LEU A 205 -1.38 -2.68 13.71
C LEU A 205 -2.27 -1.77 14.53
N ALA A 206 -2.11 -1.84 15.84
CA ALA A 206 -2.71 -0.87 16.75
C ALA A 206 -1.59 0.06 17.19
N VAL A 207 -1.68 1.32 16.81
CA VAL A 207 -0.67 2.32 17.16
C VAL A 207 -1.24 3.15 18.30
N HIS A 208 -0.66 3.00 19.49
CA HIS A 208 -1.10 3.74 20.67
C HIS A 208 -0.27 4.99 20.94
N SER A 209 1.00 4.98 20.56
CA SER A 209 1.86 6.16 20.63
C SER A 209 2.98 5.97 19.62
N LYS A 210 3.90 6.95 19.57
CA LYS A 210 5.00 6.88 18.63
C LYS A 210 5.95 5.72 18.92
N ASP A 211 5.97 5.22 20.15
CA ASP A 211 6.80 4.08 20.52
C ASP A 211 6.01 2.91 21.09
N ASN A 212 4.69 3.01 21.18
CA ASN A 212 3.84 1.95 21.70
C ASN A 212 2.88 1.51 20.61
N TYR A 213 3.14 0.35 20.02
CA TYR A 213 2.27 -0.20 18.99
C TYR A 213 2.51 -1.69 18.91
N LYS A 214 1.47 -2.43 18.51
CA LYS A 214 1.56 -3.87 18.38
C LYS A 214 0.89 -4.30 17.08
N ARG A 215 1.29 -5.48 16.61
CA ARG A 215 0.60 -6.15 15.51
C ARG A 215 -0.55 -6.96 16.09
N VAL A 216 -1.78 -6.49 15.91
CA VAL A 216 -2.93 -7.17 16.48
C VAL A 216 -3.07 -8.56 15.88
N THR A 217 -3.18 -8.64 14.57
CA THR A 217 -3.26 -9.91 13.88
C THR A 217 -2.90 -9.67 12.42
N GLY A 218 -3.30 -10.58 11.55
CA GLY A 218 -3.18 -10.39 10.13
C GLY A 218 -4.11 -11.36 9.43
N THR A 219 -4.17 -11.24 8.10
CA THR A 219 -4.87 -12.22 7.30
C THR A 219 -4.08 -12.47 6.02
N SER A 220 -4.20 -13.68 5.50
CA SER A 220 -3.48 -14.07 4.29
C SER A 220 -4.29 -13.79 3.02
N LEU A 221 -5.38 -13.05 3.13
CA LEU A 221 -6.23 -12.71 1.98
C LEU A 221 -6.02 -11.24 1.67
N GLY A 222 -5.00 -10.96 0.86
CA GLY A 222 -4.59 -9.61 0.55
C GLY A 222 -4.41 -9.42 -0.94
N GLY A 223 -3.52 -8.48 -1.28
CA GLY A 223 -3.30 -8.14 -2.67
C GLY A 223 -2.82 -9.30 -3.52
N GLY A 224 -2.00 -10.20 -2.94
CA GLY A 224 -1.54 -11.35 -3.69
C GLY A 224 -2.64 -12.34 -3.99
N THR A 225 -3.62 -12.45 -3.09
CA THR A 225 -4.79 -13.29 -3.36
C THR A 225 -5.61 -12.73 -4.51
N PHE A 226 -5.87 -11.42 -4.50
CA PHE A 226 -6.58 -10.81 -5.62
C PHE A 226 -5.82 -11.04 -6.92
N LEU A 227 -4.53 -10.71 -6.93
CA LEU A 227 -3.75 -10.86 -8.15
C LEU A 227 -3.61 -12.33 -8.56
N GLY A 228 -3.34 -13.20 -7.59
CA GLY A 228 -3.14 -14.60 -7.91
C GLY A 228 -4.39 -15.29 -8.41
N LEU A 229 -5.50 -15.09 -7.70
CA LEU A 229 -6.77 -15.70 -8.11
C LEU A 229 -7.26 -15.13 -9.43
N CYS A 230 -7.25 -13.81 -9.56
CA CYS A 230 -7.68 -13.17 -10.80
C CYS A 230 -6.87 -13.66 -12.00
N SER A 231 -5.58 -13.94 -11.80
CA SER A 231 -4.78 -14.49 -12.87
C SER A 231 -5.20 -15.91 -13.22
N LEU A 232 -5.54 -16.72 -12.21
CA LEU A 232 -6.06 -18.06 -12.50
C LEU A 232 -7.41 -17.98 -13.20
N LEU A 233 -8.29 -17.09 -12.74
CA LEU A 233 -9.65 -17.10 -13.25
C LEU A 233 -9.79 -16.39 -14.59
N THR A 234 -8.99 -15.36 -14.84
CA THR A 234 -9.18 -14.52 -16.02
C THR A 234 -7.99 -14.47 -16.96
N GLY A 235 -6.83 -14.97 -16.55
CA GLY A 235 -5.66 -14.88 -17.41
C GLY A 235 -5.06 -13.50 -17.52
N CYS A 236 -5.46 -12.56 -16.67
CA CYS A 236 -4.89 -11.22 -16.70
C CYS A 236 -3.39 -11.29 -16.42
N GLU A 237 -2.64 -10.36 -17.02
CA GLU A 237 -1.19 -10.37 -16.94
C GLU A 237 -0.61 -9.25 -16.08
N SER A 238 -1.46 -8.40 -15.49
CA SER A 238 -0.94 -7.32 -14.66
C SER A 238 -1.99 -6.92 -13.63
N PHE A 239 -1.52 -6.28 -12.56
CA PHE A 239 -2.43 -5.74 -11.54
C PHE A 239 -3.36 -4.70 -12.13
N GLU A 240 -2.85 -3.83 -13.01
CA GLU A 240 -3.69 -2.83 -13.64
C GLU A 240 -4.73 -3.47 -14.56
N GLU A 241 -4.35 -4.54 -15.26
CA GLU A 241 -5.31 -5.20 -16.15
C GLU A 241 -6.45 -5.85 -15.36
N ALA A 242 -6.13 -6.46 -14.21
CA ALA A 242 -7.18 -7.05 -13.38
C ALA A 242 -8.12 -5.97 -12.85
N LEU A 243 -7.58 -4.81 -12.46
CA LEU A 243 -8.45 -3.70 -12.06
C LEU A 243 -9.33 -3.24 -13.20
N GLU A 244 -8.77 -3.19 -14.42
CA GLU A 244 -9.55 -2.80 -15.59
C GLU A 244 -10.69 -3.77 -15.86
N MET A 245 -10.41 -5.08 -15.78
CA MET A 245 -11.47 -6.08 -15.92
C MET A 245 -12.52 -5.94 -14.84
N ALA A 246 -12.08 -5.76 -13.58
CA ALA A 246 -13.03 -5.69 -12.46
C ALA A 246 -13.97 -4.50 -12.61
N SER A 247 -13.51 -3.40 -13.20
CA SER A 247 -14.37 -2.23 -13.34
C SER A 247 -15.50 -2.48 -14.33
N LYS A 248 -15.35 -3.44 -15.24
CA LYS A 248 -16.38 -3.73 -16.25
C LYS A 248 -17.28 -4.88 -15.87
N GLY A 249 -17.01 -5.58 -14.76
CA GLY A 249 -17.75 -6.77 -14.40
C GLY A 249 -18.89 -6.51 -13.42
N ASP A 250 -19.63 -7.58 -13.15
CA ASP A 250 -20.76 -7.59 -12.23
C ASP A 250 -20.52 -8.74 -11.25
N SER A 251 -20.06 -8.40 -10.04
CA SER A 251 -19.71 -9.43 -9.08
C SER A 251 -20.91 -10.28 -8.68
N THR A 252 -22.13 -9.74 -8.80
CA THR A 252 -23.32 -10.49 -8.42
C THR A 252 -23.58 -11.67 -9.36
N GLN A 253 -22.91 -11.73 -10.52
CA GLN A 253 -23.04 -12.90 -11.37
C GLN A 253 -22.37 -14.12 -10.75
N ALA A 254 -21.34 -13.91 -9.93
CA ALA A 254 -20.62 -15.00 -9.29
C ALA A 254 -21.00 -15.19 -7.82
N ASP A 255 -21.33 -14.12 -7.11
CA ASP A 255 -21.64 -14.19 -5.69
C ASP A 255 -23.11 -14.49 -5.48
N LYS A 256 -23.40 -15.19 -4.38
CA LYS A 256 -24.77 -15.46 -3.95
C LYS A 256 -25.14 -14.40 -2.91
N LEU A 257 -26.19 -13.64 -3.18
CA LEU A 257 -26.60 -12.56 -2.30
C LEU A 257 -27.63 -13.05 -1.29
N VAL A 258 -27.81 -12.25 -0.23
CA VAL A 258 -28.80 -12.57 0.79
C VAL A 258 -30.17 -12.79 0.16
N ARG A 259 -30.52 -11.96 -0.84
CA ARG A 259 -31.83 -12.10 -1.48
C ARG A 259 -31.92 -13.34 -2.36
N ASP A 260 -30.79 -13.93 -2.76
CA ASP A 260 -30.85 -15.21 -3.46
C ASP A 260 -31.20 -16.36 -2.54
N ILE A 261 -31.08 -16.17 -1.23
CA ILE A 261 -31.38 -17.19 -0.24
C ILE A 261 -32.72 -16.93 0.44
N TYR A 262 -33.00 -15.66 0.76
CA TYR A 262 -34.22 -15.30 1.46
C TYR A 262 -35.31 -14.78 0.55
N GLY A 263 -34.98 -14.35 -0.67
CA GLY A 263 -35.91 -13.67 -1.52
C GLY A 263 -35.93 -12.16 -1.35
N GLY A 264 -35.26 -11.65 -0.33
CA GLY A 264 -35.19 -10.23 -0.04
C GLY A 264 -34.26 -9.98 1.13
N ASP A 265 -34.63 -9.05 2.02
CA ASP A 265 -33.82 -8.80 3.19
C ASP A 265 -34.00 -9.90 4.24
N TYR A 266 -33.01 -10.03 5.11
CA TYR A 266 -33.11 -10.84 6.33
C TYR A 266 -33.25 -9.82 7.47
N GLU A 267 -34.50 -9.44 7.76
CA GLU A 267 -34.76 -8.33 8.64
C GLU A 267 -34.32 -8.62 10.07
N ARG A 268 -34.48 -9.87 10.51
CA ARG A 268 -34.27 -10.23 11.91
C ARG A 268 -32.87 -9.83 12.38
N PHE A 269 -31.86 -9.96 11.52
CA PHE A 269 -30.49 -9.62 11.88
C PHE A 269 -29.94 -8.48 11.02
N GLY A 270 -30.81 -7.66 10.45
CA GLY A 270 -30.38 -6.48 9.72
C GLY A 270 -29.45 -6.75 8.56
N LEU A 271 -29.75 -7.78 7.77
CA LEU A 271 -28.93 -8.09 6.60
C LEU A 271 -29.69 -7.69 5.34
N PRO A 272 -29.20 -6.71 4.58
CA PRO A 272 -29.92 -6.30 3.37
C PRO A 272 -29.80 -7.35 2.28
N GLY A 273 -30.76 -7.33 1.36
CA GLY A 273 -30.79 -8.32 0.31
C GLY A 273 -29.57 -8.26 -0.61
N TRP A 274 -28.96 -7.08 -0.73
CA TRP A 274 -27.80 -6.93 -1.60
C TRP A 274 -26.51 -7.42 -0.96
N ALA A 275 -26.49 -7.67 0.34
CA ALA A 275 -25.28 -8.13 0.99
C ALA A 275 -24.88 -9.49 0.43
N VAL A 276 -23.58 -9.73 0.35
CA VAL A 276 -23.07 -10.99 -0.16
C VAL A 276 -23.16 -12.04 0.93
N ALA A 277 -23.95 -13.09 0.69
CA ALA A 277 -24.02 -14.18 1.65
C ALA A 277 -22.90 -15.20 1.43
N SER A 278 -22.57 -15.48 0.18
CA SER A 278 -21.57 -16.50 -0.16
C SER A 278 -20.78 -16.01 -1.36
N SER A 279 -19.52 -15.64 -1.14
CA SER A 279 -18.66 -15.19 -2.24
C SER A 279 -18.41 -16.35 -3.20
N PHE A 280 -18.53 -16.09 -4.50
CA PHE A 280 -18.46 -17.12 -5.54
C PHE A 280 -19.50 -18.22 -5.33
N GLY A 281 -20.53 -17.95 -4.52
CA GLY A 281 -21.47 -18.99 -4.16
C GLY A 281 -22.36 -19.42 -5.31
N ASN A 282 -22.56 -18.55 -6.30
CA ASN A 282 -23.36 -18.95 -7.45
C ASN A 282 -22.55 -19.77 -8.45
N MET A 283 -21.25 -19.91 -8.24
CA MET A 283 -20.41 -20.73 -9.11
C MET A 283 -20.49 -22.21 -8.77
N ILE A 284 -21.37 -22.60 -7.84
CA ILE A 284 -21.63 -24.03 -7.62
C ILE A 284 -22.55 -24.61 -8.68
N TYR A 285 -23.21 -23.78 -9.47
CA TYR A 285 -24.11 -24.23 -10.52
C TYR A 285 -23.41 -24.17 -11.86
N LYS A 286 -23.40 -25.29 -12.58
CA LYS A 286 -22.66 -25.38 -13.83
C LYS A 286 -23.13 -24.34 -14.85
N GLU A 287 -24.44 -24.08 -14.91
CA GLU A 287 -24.93 -23.13 -15.90
C GLU A 287 -24.48 -21.71 -15.59
N LYS A 288 -24.28 -21.37 -14.32
CA LYS A 288 -23.81 -20.03 -13.99
C LYS A 288 -22.32 -19.88 -14.23
N ARG A 289 -21.55 -20.96 -14.07
CA ARG A 289 -20.13 -20.90 -14.44
C ARG A 289 -19.94 -20.72 -15.94
N GLU A 290 -20.88 -21.21 -16.76
CA GLU A 290 -20.74 -21.12 -18.19
C GLU A 290 -21.19 -19.78 -18.76
N SER A 291 -21.99 -19.02 -18.01
CA SER A 291 -22.44 -17.71 -18.47
C SER A 291 -21.69 -16.55 -17.81
N VAL A 292 -20.84 -16.83 -16.83
CA VAL A 292 -20.09 -15.77 -16.17
C VAL A 292 -18.94 -15.33 -17.07
N SER A 293 -18.62 -14.04 -17.03
CA SER A 293 -17.53 -13.48 -17.82
C SER A 293 -16.30 -13.29 -16.95
N LYS A 294 -15.15 -13.08 -17.62
CA LYS A 294 -13.92 -12.85 -16.88
C LYS A 294 -13.99 -11.56 -16.06
N GLU A 295 -14.63 -10.52 -16.61
CA GLU A 295 -14.80 -9.28 -15.87
C GLU A 295 -15.62 -9.49 -14.61
N ASP A 296 -16.66 -10.34 -14.69
CA ASP A 296 -17.44 -10.66 -13.50
C ASP A 296 -16.58 -11.34 -12.44
N LEU A 297 -15.74 -12.29 -12.86
CA LEU A 297 -14.90 -13.01 -11.90
C LEU A 297 -13.83 -12.10 -11.32
N ALA A 298 -13.25 -11.23 -12.14
CA ALA A 298 -12.27 -10.25 -11.64
C ALA A 298 -12.90 -9.36 -10.58
N ARG A 299 -14.13 -8.88 -10.84
CA ARG A 299 -14.83 -8.02 -9.89
C ARG A 299 -15.16 -8.77 -8.61
N ALA A 300 -15.67 -10.00 -8.74
CA ALA A 300 -16.00 -10.79 -7.56
C ALA A 300 -14.76 -11.09 -6.73
N THR A 301 -13.61 -11.26 -7.37
CA THR A 301 -12.36 -11.44 -6.62
C THR A 301 -12.02 -10.20 -5.82
N LEU A 302 -12.10 -9.03 -6.47
CA LEU A 302 -11.80 -7.77 -5.80
C LEU A 302 -12.77 -7.53 -4.64
N VAL A 303 -14.07 -7.71 -4.89
CA VAL A 303 -15.05 -7.46 -3.84
C VAL A 303 -14.86 -8.42 -2.68
N THR A 304 -14.61 -9.70 -2.98
CA THR A 304 -14.38 -10.68 -1.92
C THR A 304 -13.19 -10.30 -1.05
N ILE A 305 -12.06 -9.97 -1.68
CA ILE A 305 -10.86 -9.63 -0.91
C ILE A 305 -11.10 -8.34 -0.12
N THR A 306 -11.71 -7.34 -0.75
CA THR A 306 -11.87 -6.04 -0.12
C THR A 306 -12.82 -6.11 1.06
N ASN A 307 -13.97 -6.77 0.88
CA ASN A 307 -14.93 -6.88 1.98
C ASN A 307 -14.34 -7.67 3.15
N ASN A 308 -13.58 -8.73 2.88
CA ASN A 308 -12.98 -9.49 3.97
C ASN A 308 -11.96 -8.65 4.74
N ILE A 309 -11.17 -7.83 4.02
CA ILE A 309 -10.21 -6.95 4.69
C ILE A 309 -10.95 -5.93 5.56
N GLY A 310 -11.99 -5.31 5.03
CA GLY A 310 -12.73 -4.35 5.81
C GLY A 310 -13.41 -4.96 7.01
N SER A 311 -13.93 -6.19 6.84
CA SER A 311 -14.58 -6.87 7.95
C SER A 311 -13.59 -7.22 9.05
N VAL A 312 -12.41 -7.71 8.67
CA VAL A 312 -11.37 -7.99 9.66
C VAL A 312 -10.91 -6.71 10.34
N ALA A 313 -10.73 -5.65 9.56
CA ALA A 313 -10.35 -4.36 10.13
C ALA A 313 -11.38 -3.87 11.13
N ARG A 314 -12.67 -4.08 10.83
CA ARG A 314 -13.73 -3.66 11.74
C ARG A 314 -13.68 -4.45 13.04
N MET A 315 -13.44 -5.76 12.96
CA MET A 315 -13.39 -6.59 14.16
C MET A 315 -12.21 -6.19 15.05
N CYS A 316 -11.06 -5.89 14.45
CA CYS A 316 -9.91 -5.44 15.24
C CYS A 316 -10.17 -4.08 15.85
N ALA A 317 -10.81 -3.18 15.10
CA ALA A 317 -11.09 -1.85 15.63
C ALA A 317 -11.99 -1.94 16.87
N VAL A 318 -13.01 -2.78 16.83
CA VAL A 318 -13.88 -2.96 17.99
C VAL A 318 -13.09 -3.53 19.16
N ASN A 319 -12.24 -4.53 18.90
CA ASN A 319 -11.50 -5.17 19.97
C ASN A 319 -10.46 -4.22 20.58
N GLU A 320 -9.80 -3.41 19.73
CA GLU A 320 -8.80 -2.47 20.21
C GLU A 320 -9.39 -1.15 20.68
N LYS A 321 -10.70 -0.96 20.51
CA LYS A 321 -11.37 0.29 20.87
C LYS A 321 -10.73 1.49 20.17
N ILE A 322 -10.56 1.34 18.86
CA ILE A 322 -9.99 2.38 18.00
C ILE A 322 -10.97 2.63 16.88
N ASN A 323 -11.29 3.90 16.63
CA ASN A 323 -12.29 4.27 15.63
C ASN A 323 -11.68 4.89 14.38
N ARG A 324 -10.36 5.00 14.29
CA ARG A 324 -9.68 5.53 13.12
C ARG A 324 -8.89 4.39 12.48
N VAL A 325 -9.32 3.98 11.29
CA VAL A 325 -8.71 2.86 10.57
C VAL A 325 -8.10 3.42 9.29
N VAL A 326 -6.78 3.31 9.16
CA VAL A 326 -6.07 3.82 8.00
C VAL A 326 -5.56 2.62 7.19
N PHE A 327 -5.84 2.63 5.89
CA PHE A 327 -5.45 1.54 5.00
C PHE A 327 -4.27 1.96 4.15
N VAL A 328 -3.22 1.13 4.14
CA VAL A 328 -2.03 1.40 3.33
C VAL A 328 -1.67 0.15 2.55
N GLY A 329 -0.50 0.16 1.91
CA GLY A 329 -0.09 -0.93 1.06
C GLY A 329 -0.57 -0.75 -0.37
N ASN A 330 0.14 -1.40 -1.29
CA ASN A 330 -0.04 -1.12 -2.70
C ASN A 330 -1.22 -1.83 -3.34
N PHE A 331 -1.98 -2.64 -2.58
CA PHE A 331 -3.22 -3.15 -3.12
C PHE A 331 -4.18 -2.02 -3.50
N LEU A 332 -4.05 -0.85 -2.88
CA LEU A 332 -4.98 0.26 -3.11
C LEU A 332 -4.45 1.32 -4.06
N ARG A 333 -3.23 1.18 -4.57
CA ARG A 333 -2.75 2.16 -5.54
C ARG A 333 -3.52 1.99 -6.84
N VAL A 334 -3.80 3.13 -7.49
CA VAL A 334 -4.67 3.26 -8.67
C VAL A 334 -5.88 2.33 -8.58
N ASN A 335 -6.38 2.11 -7.37
CA ASN A 335 -7.50 1.21 -7.11
C ASN A 335 -8.57 1.96 -6.30
N THR A 336 -9.26 2.88 -6.97
CA THR A 336 -10.32 3.63 -6.28
C THR A 336 -11.52 2.76 -5.98
N LEU A 337 -11.73 1.69 -6.76
CA LEU A 337 -12.87 0.82 -6.50
C LEU A 337 -12.79 0.19 -5.11
N SER A 338 -11.61 -0.32 -4.74
CA SER A 338 -11.45 -0.91 -3.42
C SER A 338 -11.56 0.14 -2.32
N MET A 339 -11.02 1.35 -2.56
CA MET A 339 -11.08 2.40 -1.56
C MET A 339 -12.52 2.79 -1.26
N LYS A 340 -13.31 3.08 -2.31
CA LYS A 340 -14.72 3.41 -2.11
C LYS A 340 -15.45 2.23 -1.47
N LEU A 341 -15.16 1.01 -1.91
CA LEU A 341 -15.77 -0.16 -1.30
C LEU A 341 -15.46 -0.23 0.19
N LEU A 342 -14.19 -0.02 0.56
CA LEU A 342 -13.84 0.00 1.98
C LEU A 342 -14.53 1.15 2.70
N ALA A 343 -14.55 2.34 2.08
CA ALA A 343 -15.18 3.48 2.71
C ALA A 343 -16.66 3.24 2.96
N TYR A 344 -17.37 2.70 1.97
CA TYR A 344 -18.79 2.43 2.14
C TYR A 344 -19.01 1.32 3.15
N ALA A 345 -18.27 0.21 3.03
CA ALA A 345 -18.53 -0.95 3.89
C ALA A 345 -18.22 -0.64 5.34
N LEU A 346 -17.04 -0.05 5.61
CA LEU A 346 -16.67 0.23 6.99
C LEU A 346 -17.67 1.17 7.64
N ASP A 347 -18.17 2.14 6.89
CA ASP A 347 -19.16 3.07 7.43
C ASP A 347 -20.51 2.38 7.63
N TYR A 348 -20.94 1.55 6.68
CA TYR A 348 -22.23 0.91 6.79
C TYR A 348 -22.26 -0.08 7.96
N TRP A 349 -21.27 -0.98 8.01
CA TRP A 349 -21.36 -2.08 8.97
C TRP A 349 -21.07 -1.65 10.39
N SER A 350 -20.39 -0.52 10.58
CA SER A 350 -20.16 0.03 11.90
C SER A 350 -21.17 1.10 12.28
N LYS A 351 -22.13 1.39 11.40
CA LYS A 351 -23.16 2.40 11.63
C LYS A 351 -22.54 3.78 11.87
N GLY A 352 -21.52 4.10 11.07
CA GLY A 352 -20.89 5.40 11.15
C GLY A 352 -19.94 5.58 12.31
N GLN A 353 -19.65 4.53 13.07
CA GLN A 353 -18.74 4.65 14.21
C GLN A 353 -17.28 4.44 13.84
N LEU A 354 -16.99 3.95 12.65
CA LEU A 354 -15.63 3.80 12.16
C LEU A 354 -15.47 4.58 10.86
N LYS A 355 -14.30 5.19 10.69
CA LYS A 355 -14.00 6.00 9.51
C LYS A 355 -12.84 5.36 8.75
N ALA A 356 -13.05 5.11 7.47
CA ALA A 356 -11.99 4.59 6.60
C ALA A 356 -11.10 5.74 6.14
N LEU A 357 -9.80 5.64 6.41
CA LEU A 357 -8.84 6.68 6.08
C LEU A 357 -7.78 6.15 5.12
N PHE A 358 -7.29 7.04 4.26
CA PHE A 358 -6.31 6.67 3.25
C PHE A 358 -5.21 7.72 3.19
N LEU A 359 -4.06 7.32 2.64
CA LEU A 359 -2.85 8.12 2.65
C LEU A 359 -2.26 8.15 1.25
N GLU A 360 -1.82 9.34 0.83
CA GLU A 360 -1.40 9.52 -0.56
C GLU A 360 -0.20 8.66 -0.91
N HIS A 361 0.71 8.45 0.03
CA HIS A 361 1.93 7.67 -0.20
C HIS A 361 1.78 6.22 0.22
N GLU A 362 0.61 5.63 -0.10
CA GLU A 362 0.12 4.33 0.37
C GLU A 362 1.20 3.29 0.65
N GLY A 363 2.03 2.98 -0.34
CA GLY A 363 2.93 1.84 -0.24
C GLY A 363 4.37 2.12 0.15
N TYR A 364 4.73 3.37 0.47
CA TYR A 364 6.13 3.76 0.61
C TYR A 364 6.56 4.04 2.05
N PHE A 365 5.69 3.79 3.02
CA PHE A 365 5.99 4.22 4.38
C PHE A 365 7.15 3.43 5.00
N GLY A 366 7.24 2.14 4.67
CA GLY A 366 8.38 1.35 5.14
C GLY A 366 9.70 1.84 4.58
N ALA A 367 9.73 2.15 3.29
CA ALA A 367 10.94 2.68 2.67
C ALA A 367 11.36 3.99 3.32
N VAL A 368 10.38 4.85 3.63
CA VAL A 368 10.68 6.12 4.29
C VAL A 368 11.21 5.86 5.70
N GLY A 369 10.52 4.99 6.46
CA GLY A 369 10.95 4.70 7.81
C GLY A 369 12.35 4.12 7.86
N ALA A 370 12.69 3.27 6.89
CA ALA A 370 14.05 2.74 6.81
C ALA A 370 15.06 3.87 6.59
N LEU A 371 14.75 4.77 5.66
CA LEU A 371 15.62 5.93 5.43
C LEU A 371 15.83 6.74 6.70
N LEU A 372 14.80 6.82 7.55
CA LEU A 372 14.91 7.62 8.77
C LEU A 372 15.80 6.96 9.82
N GLY A 373 16.06 5.67 9.72
CA GLY A 373 16.99 5.03 10.62
C GLY A 373 18.44 5.28 10.31
N LEU A 374 18.73 6.08 9.29
CA LEU A 374 20.11 6.30 8.88
C LEU A 374 20.99 6.93 9.95
N PRO A 375 20.56 7.95 10.71
CA PRO A 375 21.46 8.53 11.73
C PRO A 375 21.86 7.54 12.82
N ASN A 376 21.10 6.47 13.02
CA ASN A 376 21.43 5.49 14.06
C ASN A 376 22.64 4.64 13.72
N PHE A 377 23.37 4.93 12.65
CA PHE A 377 24.54 4.15 12.27
C PHE A 377 25.73 5.04 11.98
#